data_8PZM
#
_entry.id   8PZM
#
_cell.length_a   182.050
_cell.length_b   182.050
_cell.length_c   87.570
_cell.angle_alpha   90.00
_cell.angle_beta   90.00
_cell.angle_gamma   120.00
#
_symmetry.space_group_name_H-M   'P 63 2 2'
#
loop_
_entity.id
_entity.type
_entity.pdbx_description
1 polymer 'Probable cytosol aminopeptidase'
2 non-polymer '2-(3-AMINO-2-HYDROXY-4-PHENYL-BUTYRYLAMINO)-4-METHYL-PENTANOIC ACID'
3 non-polymer 1,2-ETHANEDIOL
4 non-polymer 'BICARBONATE ION'
5 non-polymer 'MANGANESE (II) ION'
6 water water
#
_entity_poly.entity_id   1
_entity_poly.type   'polypeptide(L)'
_entity_poly.pdbx_seq_one_letter_code
;MHHHHHHDYDIPTTENLYFQGGMEFLVKSVRPETLKTATLVLAVGEGRKLGASAKAVDDATGGAISAVLKRGDLAGKVGQ
TLLLQSLPNLKAERVLLVGAGKERELGDRQYRKLASAVLSTLKGLAGADAALALGDLAVKGRGAHAKARLLVETLADGLY
VFDRYKSQKAEPLKLKKLTLLADKADSAAVEQGSKEAQAIANGMALTRDLGNLPPNVCHPTFLGEQAKGLAKEFKSLKVE
VLDEKKLRELGMGSFLAVAQGSDQPPRLIILQYNGAKKDQAPHVLVGKGITFDTGGISLKPGLGMDEMKFDMCGAASVFG
TFRAVLELQLPINLVGLLACAENMPSGGATRPGDIVTTMSGQTVEILNTDAEGRLVLCDALTYAERFKPQSVIDIATLTG
ACIVALGSNTSGLMGNNEALVRQLLKAGEFADDRAWQLPLFDEYQEQLDSPFADIANIGGPKAGTITAGCFLSRFAKKYH
WAHLDIAGTAWISGGKDKGATGRPVPLLTQYLLERAK
;
_entity_poly.pdbx_strand_id   A
#
loop_
_chem_comp.id
_chem_comp.type
_chem_comp.name
_chem_comp.formula
BCT non-polymer 'BICARBONATE ION' 'C H O3 -1'
BES non-polymer '2-(3-AMINO-2-HYDROXY-4-PHENYL-BUTYRYLAMINO)-4-METHYL-PENTANOIC ACID' 'C16 H24 N2 O4'
EDO non-polymer 1,2-ETHANEDIOL 'C2 H6 O2'
MN non-polymer 'MANGANESE (II) ION' 'Mn 2'
#
# COMPACT_ATOMS: atom_id res chain seq x y z
N PHE A 19 12.47 7.46 3.52
CA PHE A 19 13.14 6.45 4.34
C PHE A 19 14.08 5.63 3.44
N GLN A 20 15.36 5.58 3.82
CA GLN A 20 16.39 5.06 2.91
C GLN A 20 16.42 3.54 2.80
N GLY A 21 15.74 2.81 3.68
CA GLY A 21 15.72 1.36 3.64
C GLY A 21 17.10 0.74 3.69
N GLY A 22 17.49 0.08 2.60
CA GLY A 22 18.84 -0.39 2.43
C GLY A 22 19.14 -1.78 2.94
N MET A 23 18.16 -2.46 3.56
CA MET A 23 18.35 -3.84 3.99
C MET A 23 18.70 -4.72 2.80
N GLU A 24 19.73 -5.53 2.94
CA GLU A 24 20.13 -6.48 1.91
C GLU A 24 19.43 -7.80 2.20
N PHE A 25 18.66 -8.30 1.24
CA PHE A 25 18.04 -9.63 1.31
C PHE A 25 18.78 -10.55 0.36
N LEU A 26 19.30 -11.65 0.89
CA LEU A 26 20.03 -12.62 0.10
C LEU A 26 19.33 -13.96 0.20
N VAL A 27 19.37 -14.73 -0.89
CA VAL A 27 18.88 -16.10 -0.91
C VAL A 27 20.07 -17.01 -1.10
N LYS A 28 20.23 -17.97 -0.18
CA LYS A 28 21.33 -18.93 -0.25
C LYS A 28 20.80 -20.34 0.00
N SER A 29 21.52 -21.32 -0.54
CA SER A 29 21.15 -22.71 -0.42
C SER A 29 22.15 -23.53 0.41
N VAL A 30 22.90 -22.87 1.29
CA VAL A 30 23.94 -23.54 2.08
C VAL A 30 23.36 -24.21 3.32
N ARG A 31 24.15 -25.07 3.96
CA ARG A 31 23.71 -25.75 5.18
C ARG A 31 23.57 -24.75 6.31
N PRO A 32 22.45 -24.74 7.04
CA PRO A 32 22.33 -23.78 8.15
C PRO A 32 23.34 -24.01 9.26
N GLU A 33 23.71 -25.28 9.52
CA GLU A 33 24.51 -25.58 10.69
C GLU A 33 25.99 -25.21 10.52
N THR A 34 26.43 -24.85 9.32
CA THR A 34 27.81 -24.38 9.14
C THR A 34 27.86 -22.94 8.66
N LEU A 35 26.73 -22.22 8.62
CA LEU A 35 26.71 -20.87 8.08
C LEU A 35 27.16 -19.88 9.13
N LYS A 36 28.16 -19.05 8.78
CA LYS A 36 28.56 -17.98 9.69
C LYS A 36 27.52 -16.86 9.65
N THR A 37 26.96 -16.53 10.81
CA THR A 37 25.94 -15.49 10.92
C THR A 37 25.89 -15.05 12.37
N ALA A 38 25.46 -13.80 12.57
CA ALA A 38 25.26 -13.30 13.93
C ALA A 38 24.09 -14.00 14.61
N THR A 39 23.02 -14.29 13.88
CA THR A 39 21.85 -14.96 14.43
C THR A 39 21.25 -15.90 13.40
N LEU A 40 21.13 -17.17 13.76
CA LEU A 40 20.44 -18.18 12.97
C LEU A 40 19.04 -18.36 13.54
N VAL A 41 18.01 -18.21 12.70
CA VAL A 41 16.62 -18.26 13.13
C VAL A 41 16.00 -19.58 12.70
N LEU A 42 15.41 -20.30 13.65
CA LEU A 42 14.81 -21.61 13.41
C LEU A 42 13.39 -21.61 13.95
N ALA A 43 12.52 -22.36 13.28
CA ALA A 43 11.13 -22.50 13.74
C ALA A 43 10.99 -23.72 14.64
N VAL A 44 10.16 -23.58 15.68
CA VAL A 44 9.86 -24.67 16.61
C VAL A 44 8.35 -24.80 16.70
N GLY A 45 7.84 -26.02 16.51
CA GLY A 45 6.41 -26.24 16.65
C GLY A 45 6.00 -26.51 18.09
N GLU A 46 4.71 -26.44 18.35
CA GLU A 46 4.21 -26.79 19.68
C GLU A 46 4.47 -28.25 19.98
N GLY A 47 4.88 -28.52 21.22
CA GLY A 47 5.37 -29.83 21.59
C GLY A 47 6.87 -30.01 21.40
N ARG A 48 7.61 -28.90 21.21
CA ARG A 48 9.06 -28.92 20.97
C ARG A 48 9.43 -29.67 19.70
N LYS A 49 8.51 -29.72 18.72
CA LYS A 49 8.71 -30.47 17.50
C LYS A 49 9.63 -29.73 16.54
N LEU A 50 10.51 -30.47 15.86
CA LEU A 50 11.57 -29.86 15.05
C LEU A 50 11.46 -30.33 13.60
N GLY A 51 11.37 -29.37 12.69
CA GLY A 51 11.43 -29.67 11.27
C GLY A 51 12.84 -30.04 10.84
N ALA A 52 12.99 -30.21 9.51
CA ALA A 52 14.22 -30.76 8.96
C ALA A 52 15.43 -29.86 9.24
N SER A 53 15.30 -28.55 8.98
CA SER A 53 16.43 -27.65 9.22
C SER A 53 16.78 -27.58 10.69
N ALA A 54 15.77 -27.42 11.55
CA ALA A 54 16.03 -27.31 12.99
C ALA A 54 16.62 -28.60 13.53
N LYS A 55 16.14 -29.75 13.06
CA LYS A 55 16.72 -31.03 13.49
C LYS A 55 18.19 -31.13 13.09
N ALA A 56 18.53 -30.65 11.89
CA ALA A 56 19.91 -30.76 11.44
C ALA A 56 20.82 -29.89 12.30
N VAL A 57 20.34 -28.70 12.68
CA VAL A 57 21.13 -27.83 13.56
C VAL A 57 21.25 -28.45 14.95
N ASP A 58 20.13 -28.95 15.49
CA ASP A 58 20.16 -29.63 16.77
C ASP A 58 21.19 -30.76 16.76
N ASP A 59 21.14 -31.62 15.74
CA ASP A 59 22.09 -32.72 15.65
C ASP A 59 23.53 -32.21 15.64
N ALA A 60 23.77 -31.08 14.95
CA ALA A 60 25.11 -30.52 14.88
C ALA A 60 25.61 -30.08 16.25
N THR A 61 24.72 -29.56 17.10
CA THR A 61 25.10 -29.14 18.44
C THR A 61 25.16 -30.29 19.43
N GLY A 62 24.85 -31.51 19.01
CA GLY A 62 24.81 -32.62 19.93
C GLY A 62 23.56 -32.66 20.79
N GLY A 63 22.46 -32.09 20.32
CA GLY A 63 21.22 -32.10 21.07
C GLY A 63 21.04 -30.92 22.01
N ALA A 64 21.84 -29.86 21.85
CA ALA A 64 21.75 -28.71 22.75
C ALA A 64 20.41 -28.00 22.62
N ILE A 65 19.86 -27.93 21.40
CA ILE A 65 18.59 -27.23 21.22
C ILE A 65 17.44 -28.05 21.79
N SER A 66 17.40 -29.36 21.53
CA SER A 66 16.35 -30.16 22.13
C SER A 66 16.49 -30.23 23.64
N ALA A 67 17.73 -30.19 24.15
CA ALA A 67 17.95 -30.15 25.60
C ALA A 67 17.33 -28.90 26.21
N VAL A 68 17.56 -27.73 25.60
CA VAL A 68 16.95 -26.51 26.12
C VAL A 68 15.43 -26.58 26.03
N LEU A 69 14.92 -26.98 24.86
CA LEU A 69 13.48 -27.02 24.68
C LEU A 69 12.81 -27.93 25.70
N LYS A 70 13.50 -28.97 26.15
CA LYS A 70 12.95 -29.88 27.12
C LYS A 70 12.70 -29.18 28.46
N ARG A 71 13.46 -28.12 28.76
CA ARG A 71 13.21 -27.32 29.97
C ARG A 71 11.83 -26.67 29.95
N GLY A 72 11.24 -26.44 28.78
CA GLY A 72 9.86 -26.02 28.68
C GLY A 72 9.58 -24.53 28.61
N ASP A 73 10.60 -23.69 28.41
CA ASP A 73 10.36 -22.24 28.41
C ASP A 73 9.63 -21.76 27.16
N LEU A 74 9.78 -22.47 26.04
CA LEU A 74 9.17 -22.09 24.76
C LEU A 74 8.03 -23.06 24.46
N ALA A 75 6.79 -22.59 24.66
CA ALA A 75 5.64 -23.44 24.35
C ALA A 75 5.49 -23.68 22.85
N GLY A 76 6.04 -22.80 22.03
CA GLY A 76 5.97 -22.95 20.59
C GLY A 76 4.76 -22.34 19.92
N LYS A 77 3.98 -21.52 20.63
CA LYS A 77 2.91 -20.78 19.99
C LYS A 77 3.49 -19.77 19.01
N VAL A 78 2.69 -19.43 17.99
CA VAL A 78 3.16 -18.58 16.90
C VAL A 78 3.70 -17.28 17.47
N GLY A 79 4.95 -16.97 17.13
CA GLY A 79 5.54 -15.72 17.54
C GLY A 79 6.31 -15.73 18.85
N GLN A 80 6.10 -16.73 19.70
CA GLN A 80 6.92 -16.85 20.91
C GLN A 80 8.38 -17.05 20.51
N THR A 81 9.29 -16.58 21.36
CA THR A 81 10.72 -16.67 21.03
C THR A 81 11.55 -17.16 22.21
N LEU A 82 12.68 -17.79 21.87
CA LEU A 82 13.73 -18.13 22.84
C LEU A 82 15.07 -17.90 22.16
N LEU A 83 15.91 -17.06 22.77
CA LEU A 83 17.19 -16.68 22.18
C LEU A 83 18.33 -17.41 22.89
N LEU A 84 19.13 -18.13 22.11
CA LEU A 84 20.28 -18.85 22.63
C LEU A 84 21.55 -18.16 22.17
N GLN A 85 22.62 -18.28 22.95
CA GLN A 85 23.90 -17.69 22.57
C GLN A 85 24.71 -18.71 21.77
N SER A 86 26.01 -18.80 22.02
CA SER A 86 26.84 -19.71 21.25
C SER A 86 26.56 -21.16 21.66
N LEU A 87 26.26 -21.99 20.67
CA LEU A 87 26.01 -23.41 20.86
C LEU A 87 27.16 -24.23 20.26
N PRO A 88 27.36 -25.45 20.74
CA PRO A 88 28.51 -26.24 20.28
C PRO A 88 28.47 -26.49 18.78
N ASN A 89 29.63 -26.34 18.14
CA ASN A 89 29.89 -26.71 16.75
C ASN A 89 29.17 -25.87 15.72
N LEU A 90 28.52 -24.78 16.11
CA LEU A 90 27.85 -23.91 15.15
C LEU A 90 28.72 -22.70 14.84
N LYS A 91 28.55 -22.15 13.65
CA LYS A 91 29.17 -20.88 13.31
C LYS A 91 28.23 -19.70 13.54
N ALA A 92 27.02 -19.95 14.02
CA ALA A 92 26.09 -18.88 14.37
C ALA A 92 26.42 -18.38 15.77
N GLU A 93 26.57 -17.04 15.91
CA GLU A 93 26.85 -16.49 17.24
C GLU A 93 25.68 -16.67 18.18
N ARG A 94 24.45 -16.62 17.64
CA ARG A 94 23.22 -16.78 18.40
C ARG A 94 22.29 -17.67 17.60
N VAL A 95 21.38 -18.33 18.30
CA VAL A 95 20.31 -19.08 17.67
C VAL A 95 18.98 -18.58 18.24
N LEU A 96 18.12 -18.06 17.37
CA LEU A 96 16.79 -17.60 17.73
C LEU A 96 15.77 -18.66 17.35
N LEU A 97 15.06 -19.20 18.35
CA LEU A 97 13.94 -20.10 18.13
C LEU A 97 12.63 -19.31 18.14
N VAL A 98 11.80 -19.53 17.13
CA VAL A 98 10.50 -18.85 17.06
C VAL A 98 9.41 -19.91 16.94
N GLY A 99 8.34 -19.74 17.71
CA GLY A 99 7.27 -20.72 17.71
C GLY A 99 6.46 -20.62 16.42
N ALA A 100 6.05 -21.79 15.93
CA ALA A 100 5.27 -21.87 14.70
C ALA A 100 3.89 -22.49 14.89
N GLY A 101 3.46 -22.67 16.14
CA GLY A 101 2.13 -23.19 16.40
C GLY A 101 2.07 -24.69 16.29
N LYS A 102 0.85 -25.21 16.25
CA LYS A 102 0.63 -26.65 16.25
C LYS A 102 0.17 -27.21 14.90
N GLU A 103 -0.20 -26.36 13.95
CA GLU A 103 -0.73 -26.83 12.67
C GLU A 103 0.39 -27.14 11.69
N ARG A 104 0.08 -28.02 10.74
CA ARG A 104 1.05 -28.30 9.68
C ARG A 104 1.22 -27.10 8.76
N GLU A 105 0.18 -26.29 8.60
CA GLU A 105 0.18 -25.16 7.67
C GLU A 105 -0.27 -23.91 8.40
N LEU A 106 0.52 -22.84 8.27
CA LEU A 106 0.14 -21.53 8.78
C LEU A 106 -0.77 -20.82 7.78
N GLY A 107 -1.63 -19.94 8.30
CA GLY A 107 -2.32 -18.99 7.46
C GLY A 107 -1.42 -17.78 7.20
N ASP A 108 -1.91 -16.88 6.36
CA ASP A 108 -1.14 -15.66 6.04
C ASP A 108 -0.90 -14.82 7.27
N ARG A 109 -1.93 -14.65 8.11
CA ARG A 109 -1.81 -13.83 9.30
C ARG A 109 -0.76 -14.38 10.26
N GLN A 110 -0.78 -15.71 10.46
CA GLN A 110 0.18 -16.36 11.35
C GLN A 110 1.60 -16.24 10.82
N TYR A 111 1.78 -16.44 9.50
CA TYR A 111 3.10 -16.29 8.89
C TYR A 111 3.64 -14.89 9.08
N ARG A 112 2.79 -13.87 8.85
CA ARG A 112 3.22 -12.49 9.09
C ARG A 112 3.58 -12.28 10.55
N LYS A 113 2.77 -12.82 11.47
CA LYS A 113 3.01 -12.63 12.90
C LYS A 113 4.35 -13.25 13.30
N LEU A 114 4.64 -14.44 12.78
CA LEU A 114 5.94 -15.07 13.01
C LEU A 114 7.07 -14.19 12.48
N ALA A 115 6.92 -13.69 11.25
CA ALA A 115 7.98 -12.86 10.67
C ALA A 115 8.18 -11.59 11.49
N SER A 116 7.09 -10.96 11.94
CA SER A 116 7.20 -9.73 12.71
C SER A 116 7.85 -9.98 14.05
N ALA A 117 7.54 -11.13 14.68
CA ALA A 117 8.17 -11.47 15.94
C ALA A 117 9.67 -11.66 15.77
N VAL A 118 10.08 -12.36 14.70
CA VAL A 118 11.50 -12.50 14.40
C VAL A 118 12.13 -11.13 14.23
N LEU A 119 11.52 -10.29 13.38
CA LEU A 119 12.08 -8.97 13.12
C LEU A 119 12.20 -8.15 14.39
N SER A 120 11.17 -8.16 15.23
CA SER A 120 11.24 -7.35 16.44
C SER A 120 12.40 -7.79 17.32
N THR A 121 12.64 -9.10 17.43
CA THR A 121 13.79 -9.55 18.21
C THR A 121 15.10 -9.10 17.57
N LEU A 122 15.22 -9.27 16.25
CA LEU A 122 16.49 -8.95 15.58
C LEU A 122 16.82 -7.47 15.67
N LYS A 123 15.80 -6.60 15.61
CA LYS A 123 16.01 -5.17 15.73
C LYS A 123 16.68 -4.78 17.04
N GLY A 124 16.39 -5.52 18.10
CA GLY A 124 16.98 -5.20 19.39
C GLY A 124 18.33 -5.81 19.64
N LEU A 125 18.84 -6.66 18.75
CA LEU A 125 20.15 -7.26 18.92
C LEU A 125 21.22 -6.41 18.25
N ALA A 126 22.47 -6.63 18.67
CA ALA A 126 23.61 -5.97 18.06
C ALA A 126 24.18 -6.75 16.87
N GLY A 127 23.51 -7.81 16.43
CA GLY A 127 24.01 -8.58 15.30
C GLY A 127 23.87 -7.81 13.98
N ALA A 128 24.91 -7.89 13.15
CA ALA A 128 24.90 -7.18 11.88
C ALA A 128 24.13 -7.91 10.80
N ASP A 129 23.82 -9.19 10.99
CA ASP A 129 23.03 -9.93 10.02
C ASP A 129 22.23 -11.00 10.75
N ALA A 130 21.32 -11.63 10.02
CA ALA A 130 20.67 -12.82 10.53
C ALA A 130 20.34 -13.73 9.35
N ALA A 131 20.32 -15.03 9.61
CA ALA A 131 19.99 -16.00 8.58
C ALA A 131 18.72 -16.72 8.99
N LEU A 132 17.73 -16.75 8.10
CA LEU A 132 16.43 -17.33 8.37
C LEU A 132 16.37 -18.73 7.77
N ALA A 133 16.28 -19.74 8.62
CA ALA A 133 16.14 -21.12 8.15
C ALA A 133 14.70 -21.58 8.31
N LEU A 134 13.80 -20.88 7.61
CA LEU A 134 12.37 -21.04 7.77
C LEU A 134 11.73 -21.75 6.58
N GLY A 135 12.53 -22.35 5.71
CA GLY A 135 12.01 -22.98 4.51
C GLY A 135 11.07 -24.14 4.79
N ASP A 136 11.16 -24.74 5.97
CA ASP A 136 10.33 -25.88 6.32
C ASP A 136 8.89 -25.46 6.67
N LEU A 137 8.65 -24.19 6.99
CA LEU A 137 7.30 -23.74 7.26
C LEU A 137 6.43 -23.91 6.02
N ALA A 138 5.19 -24.33 6.24
CA ALA A 138 4.19 -24.42 5.19
C ALA A 138 3.13 -23.37 5.43
N VAL A 139 2.69 -22.71 4.36
CA VAL A 139 1.66 -21.69 4.43
C VAL A 139 0.56 -22.08 3.46
N LYS A 140 -0.69 -22.07 3.94
CA LYS A 140 -1.82 -22.56 3.15
C LYS A 140 -1.90 -21.86 1.81
N GLY A 141 -1.88 -22.65 0.74
CA GLY A 141 -2.08 -22.14 -0.59
C GLY A 141 -0.91 -21.37 -1.17
N ARG A 142 0.25 -21.37 -0.53
CA ARG A 142 1.40 -20.61 -1.01
C ARG A 142 2.61 -21.51 -1.20
N GLY A 143 3.16 -21.51 -2.42
CA GLY A 143 4.42 -22.15 -2.71
C GLY A 143 5.59 -21.23 -2.41
N ALA A 144 6.76 -21.60 -2.94
CA ALA A 144 8.00 -20.90 -2.59
C ALA A 144 7.95 -19.42 -2.93
N HIS A 145 7.53 -19.08 -4.15
CA HIS A 145 7.47 -17.68 -4.55
C HIS A 145 6.46 -16.91 -3.72
N ALA A 146 5.27 -17.47 -3.53
CA ALA A 146 4.22 -16.74 -2.83
C ALA A 146 4.57 -16.55 -1.35
N LYS A 147 5.25 -17.52 -0.73
CA LYS A 147 5.70 -17.35 0.64
C LYS A 147 6.80 -16.29 0.74
N ALA A 148 7.73 -16.29 -0.22
CA ALA A 148 8.79 -15.29 -0.21
C ALA A 148 8.19 -13.89 -0.34
N ARG A 149 7.17 -13.75 -1.19
CA ARG A 149 6.52 -12.45 -1.36
C ARG A 149 5.98 -11.92 -0.02
N LEU A 150 5.29 -12.79 0.73
CA LEU A 150 4.73 -12.36 1.99
C LEU A 150 5.80 -12.13 3.04
N LEU A 151 6.76 -13.05 3.13
CA LEU A 151 7.80 -12.96 4.15
C LEU A 151 8.64 -11.71 3.95
N VAL A 152 9.14 -11.49 2.73
CA VAL A 152 10.06 -10.38 2.53
C VAL A 152 9.34 -9.05 2.60
N GLU A 153 8.10 -9.01 2.14
CA GLU A 153 7.36 -7.74 2.23
C GLU A 153 7.13 -7.37 3.70
N THR A 154 6.81 -8.37 4.53
CA THR A 154 6.56 -8.13 5.94
C THR A 154 7.83 -7.65 6.64
N LEU A 155 8.95 -8.33 6.37
CA LEU A 155 10.24 -7.92 6.93
C LEU A 155 10.65 -6.54 6.46
N ALA A 156 10.62 -6.30 5.15
CA ALA A 156 11.10 -5.03 4.61
C ALA A 156 10.22 -3.87 5.07
N ASP A 157 8.90 -4.06 5.00
CA ASP A 157 8.00 -2.98 5.43
C ASP A 157 8.07 -2.78 6.94
N GLY A 158 8.35 -3.85 7.69
CA GLY A 158 8.54 -3.73 9.12
C GLY A 158 9.75 -2.90 9.52
N LEU A 159 10.69 -2.69 8.59
CA LEU A 159 11.86 -1.85 8.85
C LEU A 159 11.58 -0.36 8.68
N TYR A 160 10.42 -0.01 8.14
CA TYR A 160 10.07 1.39 7.91
C TYR A 160 10.13 2.22 9.19
N VAL A 161 10.72 3.41 9.09
CA VAL A 161 10.79 4.36 10.20
C VAL A 161 10.46 5.73 9.65
N PHE A 162 9.58 6.46 10.35
CA PHE A 162 9.33 7.88 10.05
C PHE A 162 9.70 8.66 11.30
N ASP A 163 10.78 9.45 11.22
CA ASP A 163 11.20 10.24 12.37
C ASP A 163 11.62 11.64 11.96
N ARG A 164 11.13 12.10 10.80
CA ARG A 164 11.56 13.36 10.20
C ARG A 164 11.50 14.53 11.17
N TYR A 165 10.44 14.61 11.97
CA TYR A 165 10.27 15.76 12.87
C TYR A 165 10.55 15.44 14.33
N LYS A 166 11.14 14.29 14.63
CA LYS A 166 11.61 13.99 15.96
C LYS A 166 13.00 14.59 16.17
N SER A 167 13.18 15.34 17.26
CA SER A 167 14.51 15.82 17.59
C SER A 167 15.42 14.67 18.02
N GLN A 168 14.87 13.70 18.74
CA GLN A 168 15.59 12.49 19.13
C GLN A 168 15.32 11.43 18.07
N LYS A 169 16.32 11.13 17.24
CA LYS A 169 16.17 10.18 16.16
C LYS A 169 16.29 8.75 16.65
N ALA A 170 15.74 7.84 15.86
CA ALA A 170 15.90 6.42 16.15
C ALA A 170 17.37 6.01 16.15
N GLU A 171 17.75 5.20 17.14
CA GLU A 171 19.05 4.55 17.15
C GLU A 171 19.20 3.66 15.91
N PRO A 172 20.25 3.84 15.11
CA PRO A 172 20.37 3.05 13.87
C PRO A 172 20.46 1.55 14.19
N LEU A 173 19.82 0.75 13.34
CA LEU A 173 19.85 -0.69 13.51
C LEU A 173 21.24 -1.22 13.21
N LYS A 174 21.71 -2.18 14.02
CA LYS A 174 22.90 -2.93 13.63
C LYS A 174 22.61 -3.92 12.52
N LEU A 175 21.39 -4.47 12.48
CA LEU A 175 20.99 -5.43 11.45
C LEU A 175 21.00 -4.77 10.06
N LYS A 176 21.88 -5.24 9.18
CA LYS A 176 21.97 -4.70 7.83
C LYS A 176 21.80 -5.76 6.74
N LYS A 177 21.65 -7.04 7.09
CA LYS A 177 21.57 -8.09 6.08
C LYS A 177 20.71 -9.24 6.59
N LEU A 178 19.81 -9.72 5.74
CA LEU A 178 18.98 -10.87 6.03
C LEU A 178 19.17 -11.91 4.94
N THR A 179 19.53 -13.13 5.33
CA THR A 179 19.70 -14.24 4.39
C THR A 179 18.52 -15.20 4.54
N LEU A 180 17.86 -15.48 3.42
CA LEU A 180 16.82 -16.49 3.37
C LEU A 180 17.44 -17.79 2.89
N LEU A 181 17.40 -18.83 3.72
CA LEU A 181 17.91 -20.13 3.31
C LEU A 181 16.80 -20.89 2.60
N ALA A 182 17.11 -21.42 1.43
CA ALA A 182 16.15 -22.15 0.62
C ALA A 182 16.83 -23.33 -0.03
N ASP A 183 16.06 -24.39 -0.28
CA ASP A 183 16.53 -25.50 -1.09
C ASP A 183 16.92 -25.00 -2.47
N LYS A 184 17.90 -25.67 -3.08
CA LYS A 184 18.35 -25.29 -4.43
C LYS A 184 17.19 -25.26 -5.42
N ALA A 185 16.26 -26.20 -5.31
CA ALA A 185 15.15 -26.26 -6.25
C ALA A 185 14.18 -25.08 -6.08
N ASP A 186 14.16 -24.46 -4.91
CA ASP A 186 13.23 -23.36 -4.65
C ASP A 186 13.89 -21.99 -4.73
N SER A 187 15.22 -21.95 -4.84
CA SER A 187 15.93 -20.68 -4.64
C SER A 187 15.56 -19.66 -5.72
N ALA A 188 15.36 -20.09 -6.96
CA ALA A 188 15.00 -19.12 -8.00
C ALA A 188 13.65 -18.46 -7.71
N ALA A 189 12.67 -19.26 -7.26
CA ALA A 189 11.37 -18.67 -6.94
C ALA A 189 11.44 -17.79 -5.70
N VAL A 190 12.23 -18.19 -4.70
CA VAL A 190 12.38 -17.35 -3.52
C VAL A 190 13.05 -16.04 -3.88
N GLU A 191 14.07 -16.09 -4.75
CA GLU A 191 14.75 -14.87 -5.16
C GLU A 191 13.80 -13.95 -5.93
N GLN A 192 12.99 -14.51 -6.83
CA GLN A 192 12.01 -13.71 -7.57
C GLN A 192 11.03 -13.06 -6.61
N GLY A 193 10.48 -13.84 -5.67
CA GLY A 193 9.56 -13.29 -4.70
C GLY A 193 10.19 -12.19 -3.85
N SER A 194 11.43 -12.39 -3.43
CA SER A 194 12.14 -11.39 -2.64
C SER A 194 12.33 -10.10 -3.44
N LYS A 195 12.76 -10.24 -4.70
CA LYS A 195 12.98 -9.08 -5.56
C LYS A 195 11.70 -8.26 -5.71
N GLU A 196 10.58 -8.93 -5.98
CA GLU A 196 9.30 -8.24 -6.13
C GLU A 196 8.86 -7.62 -4.80
N ALA A 197 9.00 -8.37 -3.70
CA ALA A 197 8.58 -7.84 -2.39
C ALA A 197 9.39 -6.62 -1.99
N GLN A 198 10.70 -6.62 -2.29
CA GLN A 198 11.53 -5.46 -1.94
C GLN A 198 11.06 -4.23 -2.68
N ALA A 199 10.77 -4.37 -3.97
CA ALA A 199 10.29 -3.23 -4.75
C ALA A 199 8.94 -2.72 -4.23
N ILE A 200 8.03 -3.64 -3.88
CA ILE A 200 6.76 -3.25 -3.28
C ILE A 200 6.98 -2.51 -1.96
N ALA A 201 7.85 -3.05 -1.11
CA ALA A 201 8.11 -2.37 0.17
C ALA A 201 8.79 -1.03 -0.02
N ASN A 202 9.66 -0.91 -1.02
CA ASN A 202 10.25 0.40 -1.31
C ASN A 202 9.18 1.39 -1.75
N GLY A 203 8.22 0.94 -2.55
CA GLY A 203 7.13 1.82 -2.95
C GLY A 203 6.25 2.19 -1.78
N MET A 204 5.97 1.20 -0.92
CA MET A 204 5.24 1.42 0.33
C MET A 204 5.90 2.47 1.21
N ALA A 205 7.23 2.49 1.24
CA ALA A 205 7.92 3.45 2.11
C ALA A 205 7.71 4.87 1.60
N LEU A 206 7.76 5.07 0.29
CA LEU A 206 7.47 6.39 -0.29
C LEU A 206 6.04 6.79 0.01
N THR A 207 5.10 5.87 -0.23
CA THR A 207 3.69 6.12 0.08
C THR A 207 3.51 6.52 1.54
N ARG A 208 4.11 5.77 2.45
CA ARG A 208 3.95 6.04 3.88
C ARG A 208 4.58 7.38 4.25
N ASP A 209 5.76 7.69 3.70
CA ASP A 209 6.37 8.99 3.95
C ASP A 209 5.42 10.12 3.56
N LEU A 210 4.85 10.05 2.35
CA LEU A 210 4.01 11.15 1.90
C LEU A 210 2.76 11.26 2.76
N GLY A 211 2.13 10.13 3.08
CA GLY A 211 0.95 10.16 3.94
C GLY A 211 1.26 10.72 5.32
N ASN A 212 2.40 10.31 5.90
CA ASN A 212 2.78 10.74 7.24
C ASN A 212 3.20 12.21 7.31
N LEU A 213 3.65 12.80 6.21
CA LEU A 213 4.10 14.18 6.25
C LEU A 213 2.92 15.08 6.61
N PRO A 214 3.13 16.12 7.41
CA PRO A 214 2.02 16.98 7.86
C PRO A 214 1.57 17.88 6.73
N PRO A 215 0.33 18.39 6.79
CA PRO A 215 -0.24 19.05 5.62
C PRO A 215 0.29 20.45 5.37
N ASN A 216 0.97 21.07 6.35
CA ASN A 216 1.65 22.33 6.07
C ASN A 216 2.93 22.12 5.26
N VAL A 217 3.42 20.90 5.17
CA VAL A 217 4.59 20.56 4.35
C VAL A 217 4.18 19.88 3.05
N CYS A 218 3.35 18.83 3.17
CA CYS A 218 2.90 18.04 2.02
C CYS A 218 1.60 18.62 1.50
N HIS A 219 1.73 19.66 0.67
CA HIS A 219 0.61 20.30 -0.03
C HIS A 219 0.72 19.96 -1.51
N PRO A 220 -0.23 20.37 -2.38
CA PRO A 220 -0.16 19.93 -3.78
C PRO A 220 1.12 20.33 -4.49
N THR A 221 1.59 21.56 -4.28
CA THR A 221 2.84 21.98 -4.91
C THR A 221 3.99 21.07 -4.50
N PHE A 222 4.06 20.69 -3.22
CA PHE A 222 5.09 19.77 -2.74
C PHE A 222 5.03 18.43 -3.45
N LEU A 223 3.81 17.88 -3.63
CA LEU A 223 3.67 16.61 -4.32
C LEU A 223 4.13 16.72 -5.76
N GLY A 224 3.89 17.87 -6.41
CA GLY A 224 4.40 18.05 -7.76
C GLY A 224 5.92 18.00 -7.80
N GLU A 225 6.57 18.61 -6.81
CA GLU A 225 8.03 18.55 -6.74
C GLU A 225 8.51 17.14 -6.42
N GLN A 226 7.77 16.39 -5.59
CA GLN A 226 8.12 14.99 -5.36
C GLN A 226 8.10 14.18 -6.65
N ALA A 227 7.12 14.43 -7.51
CA ALA A 227 7.05 13.71 -8.77
C ALA A 227 8.23 14.06 -9.67
N LYS A 228 8.62 15.34 -9.70
CA LYS A 228 9.82 15.70 -10.45
C LYS A 228 11.05 15.03 -9.85
N GLY A 229 11.11 14.92 -8.52
CA GLY A 229 12.20 14.20 -7.89
C GLY A 229 12.26 12.75 -8.30
N LEU A 230 11.09 12.08 -8.40
CA LEU A 230 11.06 10.69 -8.82
C LEU A 230 11.54 10.54 -10.26
N ALA A 231 11.27 11.53 -11.11
CA ALA A 231 11.74 11.48 -12.49
C ALA A 231 13.25 11.68 -12.58
N LYS A 232 13.84 12.41 -11.63
CA LYS A 232 15.31 12.51 -11.60
C LYS A 232 15.93 11.18 -11.25
N GLU A 233 15.28 10.41 -10.36
CA GLU A 233 15.82 9.13 -9.91
C GLU A 233 15.65 8.06 -10.97
N PHE A 234 14.54 8.10 -11.72
CA PHE A 234 14.18 7.07 -12.71
C PHE A 234 14.05 7.71 -14.09
N LYS A 235 15.05 7.52 -14.94
CA LYS A 235 15.04 8.10 -16.28
C LYS A 235 13.91 7.56 -17.16
N SER A 236 13.34 6.41 -16.83
CA SER A 236 12.22 5.87 -17.58
C SER A 236 10.91 6.55 -17.27
N LEU A 237 10.87 7.44 -16.27
CA LEU A 237 9.65 8.11 -15.86
C LEU A 237 9.61 9.51 -16.46
N LYS A 238 8.47 9.89 -17.05
CA LYS A 238 8.21 11.26 -17.43
C LYS A 238 7.08 11.84 -16.59
N VAL A 239 7.24 13.11 -16.21
CA VAL A 239 6.32 13.77 -15.31
C VAL A 239 5.90 15.11 -15.91
N GLU A 240 4.61 15.42 -15.82
CA GLU A 240 4.10 16.75 -16.10
C GLU A 240 3.27 17.20 -14.90
N VAL A 241 3.44 18.45 -14.49
CA VAL A 241 2.70 19.01 -13.37
C VAL A 241 1.89 20.19 -13.90
N LEU A 242 0.57 20.08 -13.83
CA LEU A 242 -0.33 21.10 -14.34
C LEU A 242 -0.84 21.95 -13.18
N ASP A 243 -0.83 23.28 -13.36
CA ASP A 243 -1.28 24.20 -12.34
C ASP A 243 -2.72 24.66 -12.59
N GLU A 244 -3.19 25.62 -11.77
N GLU A 244 -3.19 25.60 -11.75
CA GLU A 244 -4.60 25.99 -11.83
CA GLU A 244 -4.58 26.03 -11.81
C GLU A 244 -4.97 26.65 -13.15
C GLU A 244 -4.94 26.61 -13.17
N LYS A 245 -4.04 27.38 -13.77
CA LYS A 245 -4.32 27.98 -15.07
C LYS A 245 -4.62 26.90 -16.11
N LYS A 246 -3.84 25.81 -16.10
CA LYS A 246 -4.09 24.74 -17.06
C LYS A 246 -5.39 24.01 -16.74
N LEU A 247 -5.70 23.79 -15.45
CA LEU A 247 -6.96 23.15 -15.10
C LEU A 247 -8.14 23.95 -15.63
N ARG A 248 -8.08 25.28 -15.50
CA ARG A 248 -9.15 26.13 -16.00
C ARG A 248 -9.24 26.05 -17.53
N GLU A 249 -8.08 26.06 -18.21
CA GLU A 249 -8.07 25.85 -19.66
C GLU A 249 -8.77 24.56 -20.05
N LEU A 250 -8.53 23.48 -19.29
CA LEU A 250 -9.12 22.19 -19.56
C LEU A 250 -10.59 22.11 -19.14
N GLY A 251 -11.09 23.10 -18.40
CA GLY A 251 -12.48 23.11 -17.98
C GLY A 251 -12.80 22.23 -16.80
N MET A 252 -11.83 21.90 -15.95
CA MET A 252 -12.13 21.05 -14.80
C MET A 252 -12.74 21.86 -13.66
N GLY A 253 -14.05 22.14 -13.84
CA GLY A 253 -14.75 23.01 -12.92
C GLY A 253 -14.95 22.42 -11.53
N SER A 254 -15.14 21.10 -11.42
CA SER A 254 -15.34 20.56 -10.07
C SER A 254 -14.02 20.43 -9.32
N PHE A 255 -12.93 20.09 -10.01
CA PHE A 255 -11.61 20.07 -9.40
C PHE A 255 -11.27 21.46 -8.86
N LEU A 256 -11.47 22.49 -9.69
CA LEU A 256 -11.19 23.86 -9.27
C LEU A 256 -12.11 24.29 -8.14
N ALA A 257 -13.36 23.83 -8.11
CA ALA A 257 -14.26 24.20 -7.03
C ALA A 257 -13.74 23.73 -5.68
N VAL A 258 -13.16 22.53 -5.63
CA VAL A 258 -12.61 22.03 -4.37
C VAL A 258 -11.45 22.90 -3.91
N ALA A 259 -10.59 23.29 -4.85
CA ALA A 259 -9.34 23.98 -4.53
C ALA A 259 -9.52 25.44 -4.16
N GLN A 260 -10.61 26.10 -4.60
CA GLN A 260 -10.64 27.55 -4.58
C GLN A 260 -10.66 28.13 -3.17
N GLY A 261 -11.13 27.39 -2.16
CA GLY A 261 -11.16 27.93 -0.81
C GLY A 261 -9.80 28.05 -0.16
N SER A 262 -8.80 27.34 -0.65
CA SER A 262 -7.48 27.28 -0.03
C SER A 262 -6.51 28.28 -0.64
N ASP A 263 -5.57 28.76 0.19
CA ASP A 263 -4.41 29.51 -0.30
C ASP A 263 -3.47 28.65 -1.14
N GLN A 264 -3.49 27.33 -0.96
CA GLN A 264 -2.60 26.43 -1.68
C GLN A 264 -3.20 26.14 -3.06
N PRO A 265 -2.44 26.36 -4.13
CA PRO A 265 -2.97 26.05 -5.46
C PRO A 265 -3.06 24.55 -5.67
N PRO A 266 -3.96 24.11 -6.54
CA PRO A 266 -4.05 22.68 -6.87
C PRO A 266 -3.00 22.28 -7.89
N ARG A 267 -2.83 20.96 -8.03
CA ARG A 267 -1.94 20.39 -9.04
C ARG A 267 -2.56 19.12 -9.59
N LEU A 268 -2.48 18.94 -10.91
CA LEU A 268 -2.73 17.64 -11.53
C LEU A 268 -1.38 17.12 -12.00
N ILE A 269 -0.93 16.02 -11.40
CA ILE A 269 0.38 15.44 -11.68
C ILE A 269 0.17 14.26 -12.62
N ILE A 270 0.90 14.25 -13.73
CA ILE A 270 0.82 13.17 -14.72
C ILE A 270 2.15 12.42 -14.75
N LEU A 271 2.10 11.13 -14.42
CA LEU A 271 3.26 10.24 -14.49
C LEU A 271 3.08 9.31 -15.68
N GLN A 272 4.14 9.12 -16.45
CA GLN A 272 4.04 8.21 -17.60
C GLN A 272 5.29 7.34 -17.65
N TYR A 273 5.06 6.04 -17.77
CA TYR A 273 6.13 5.05 -17.91
C TYR A 273 5.78 4.11 -19.05
N ASN A 274 6.68 3.95 -20.01
CA ASN A 274 6.39 3.15 -21.20
C ASN A 274 7.35 1.97 -21.26
N GLY A 275 7.02 0.92 -20.52
CA GLY A 275 7.83 -0.29 -20.49
C GLY A 275 7.49 -1.33 -21.54
N ALA A 276 6.40 -1.15 -22.27
CA ALA A 276 5.95 -2.08 -23.30
C ALA A 276 5.98 -1.38 -24.65
N LYS A 277 5.63 -2.11 -25.68
CA LYS A 277 5.69 -1.56 -27.03
C LYS A 277 4.62 -0.48 -27.20
N LYS A 278 4.81 0.41 -28.19
CA LYS A 278 3.88 1.54 -28.35
C LYS A 278 2.45 1.08 -28.63
N ASP A 279 2.28 -0.14 -29.16
CA ASP A 279 0.94 -0.61 -29.49
C ASP A 279 0.15 -1.09 -28.29
N GLN A 280 0.77 -1.18 -27.10
CA GLN A 280 0.09 -1.70 -25.92
C GLN A 280 -0.63 -0.55 -25.23
N ALA A 281 -1.95 -0.65 -25.07
CA ALA A 281 -2.70 0.38 -24.38
C ALA A 281 -2.24 0.47 -22.92
N PRO A 282 -2.23 1.67 -22.35
CA PRO A 282 -1.75 1.84 -20.97
C PRO A 282 -2.81 1.46 -19.94
N HIS A 283 -2.32 1.17 -18.74
CA HIS A 283 -3.10 1.12 -17.52
C HIS A 283 -2.95 2.45 -16.80
N VAL A 284 -4.06 3.01 -16.34
CA VAL A 284 -4.08 4.33 -15.71
C VAL A 284 -4.46 4.15 -14.25
N LEU A 285 -3.67 4.76 -13.36
CA LEU A 285 -3.99 4.82 -11.93
C LEU A 285 -4.32 6.28 -11.61
N VAL A 286 -5.48 6.50 -11.01
CA VAL A 286 -5.94 7.85 -10.66
C VAL A 286 -6.01 7.93 -9.14
N GLY A 287 -5.29 8.89 -8.56
CA GLY A 287 -5.23 8.96 -7.10
C GLY A 287 -5.80 10.24 -6.53
N LYS A 288 -6.61 10.10 -5.49
CA LYS A 288 -7.12 11.27 -4.76
C LYS A 288 -6.00 11.88 -3.93
N GLY A 289 -5.62 13.11 -4.26
CA GLY A 289 -4.57 13.81 -3.54
C GLY A 289 -5.04 14.99 -2.72
N ILE A 290 -6.00 14.78 -1.84
CA ILE A 290 -6.47 15.88 -0.98
C ILE A 290 -5.48 15.98 0.18
N THR A 291 -4.61 16.99 0.14
CA THR A 291 -3.49 17.01 1.09
C THR A 291 -3.94 17.35 2.50
N PHE A 292 -5.07 18.03 2.63
CA PHE A 292 -5.79 18.11 3.90
C PHE A 292 -7.25 18.38 3.62
N ASP A 293 -8.13 17.68 4.34
CA ASP A 293 -9.57 17.78 4.17
C ASP A 293 -10.19 18.34 5.44
N THR A 294 -10.43 19.66 5.49
CA THR A 294 -11.20 20.24 6.59
C THR A 294 -12.69 20.00 6.45
N GLY A 295 -13.13 19.53 5.28
CA GLY A 295 -14.52 19.54 4.89
C GLY A 295 -14.96 20.78 4.15
N GLY A 296 -14.22 21.89 4.28
CA GLY A 296 -14.67 23.14 3.67
C GLY A 296 -15.74 23.83 4.50
N ILE A 297 -16.63 24.55 3.81
CA ILE A 297 -17.76 25.19 4.48
C ILE A 297 -18.60 24.15 5.23
N SER A 298 -18.75 22.97 4.64
CA SER A 298 -19.31 21.79 5.33
C SER A 298 -18.25 21.20 6.27
N LEU A 299 -17.87 22.00 7.26
CA LEU A 299 -16.68 21.75 8.07
C LEU A 299 -16.81 20.47 8.90
N LYS A 300 -15.71 19.71 8.98
CA LYS A 300 -15.65 18.53 9.83
C LYS A 300 -15.60 18.89 11.31
N PRO A 301 -15.97 17.97 12.19
CA PRO A 301 -15.73 18.17 13.63
C PRO A 301 -14.23 18.16 13.92
N GLY A 302 -13.86 18.74 15.06
CA GLY A 302 -12.44 18.85 15.40
C GLY A 302 -11.82 17.51 15.75
N LEU A 303 -12.59 16.63 16.39
CA LEU A 303 -12.03 15.40 16.93
C LEU A 303 -11.48 14.51 15.82
N GLY A 304 -10.19 14.16 15.94
CA GLY A 304 -9.51 13.32 14.98
C GLY A 304 -9.27 13.95 13.62
N MET A 305 -9.50 15.24 13.46
CA MET A 305 -9.40 15.81 12.13
C MET A 305 -7.96 15.78 11.61
N ASP A 306 -6.96 15.67 12.50
CA ASP A 306 -5.56 15.58 12.06
C ASP A 306 -5.35 14.42 11.08
N GLU A 307 -6.17 13.37 11.18
CA GLU A 307 -5.96 12.21 10.33
C GLU A 307 -6.30 12.49 8.88
N MET A 308 -6.92 13.64 8.58
CA MET A 308 -7.15 14.05 7.20
C MET A 308 -5.85 14.46 6.48
N LYS A 309 -4.70 14.49 7.15
CA LYS A 309 -3.43 14.58 6.43
C LYS A 309 -3.18 13.33 5.60
N PHE A 310 -3.89 12.24 5.89
CA PHE A 310 -3.81 11.01 5.11
C PHE A 310 -4.79 10.99 3.94
N ASP A 311 -5.51 12.09 3.70
CA ASP A 311 -6.49 12.12 2.62
C ASP A 311 -5.84 12.21 1.26
N MET A 312 -4.51 12.19 1.17
CA MET A 312 -3.85 12.15 -0.13
C MET A 312 -3.19 10.79 -0.31
N CYS A 313 -3.57 9.82 0.52
CA CYS A 313 -2.94 8.50 0.47
C CYS A 313 -3.28 7.75 -0.82
N GLY A 314 -4.43 8.06 -1.45
CA GLY A 314 -4.70 7.50 -2.76
C GLY A 314 -3.66 7.93 -3.78
N ALA A 315 -3.41 9.24 -3.88
CA ALA A 315 -2.33 9.73 -4.72
C ALA A 315 -0.97 9.18 -4.29
N ALA A 316 -0.73 9.09 -2.97
CA ALA A 316 0.54 8.54 -2.52
C ALA A 316 0.70 7.09 -2.96
N SER A 317 -0.39 6.32 -3.03
CA SER A 317 -0.26 4.94 -3.47
C SER A 317 0.06 4.84 -4.96
N VAL A 318 -0.30 5.85 -5.75
CA VAL A 318 0.13 5.88 -7.15
C VAL A 318 1.63 6.12 -7.24
N PHE A 319 2.15 7.10 -6.47
CA PHE A 319 3.60 7.24 -6.32
C PHE A 319 4.27 5.91 -5.99
N GLY A 320 3.75 5.23 -4.97
CA GLY A 320 4.40 4.02 -4.48
C GLY A 320 4.34 2.88 -5.50
N THR A 321 3.19 2.73 -6.16
CA THR A 321 3.09 1.72 -7.21
C THR A 321 4.04 2.02 -8.36
N PHE A 322 4.11 3.29 -8.78
CA PHE A 322 5.11 3.64 -9.80
C PHE A 322 6.52 3.32 -9.30
N ARG A 323 6.82 3.64 -8.05
CA ARG A 323 8.17 3.39 -7.53
C ARG A 323 8.52 1.90 -7.61
N ALA A 324 7.56 1.02 -7.30
CA ALA A 324 7.79 -0.42 -7.41
C ALA A 324 7.94 -0.84 -8.87
N VAL A 325 7.08 -0.34 -9.75
CA VAL A 325 7.14 -0.72 -11.17
C VAL A 325 8.43 -0.23 -11.81
N LEU A 326 8.88 0.98 -11.44
CA LEU A 326 10.10 1.53 -12.03
C LEU A 326 11.33 0.73 -11.60
N GLU A 327 11.38 0.32 -10.34
CA GLU A 327 12.46 -0.54 -9.86
C GLU A 327 12.48 -1.87 -10.59
N LEU A 328 11.31 -2.49 -10.79
CA LEU A 328 11.21 -3.79 -11.44
C LEU A 328 11.34 -3.72 -12.95
N GLN A 329 11.18 -2.53 -13.54
CA GLN A 329 11.23 -2.35 -14.99
C GLN A 329 10.22 -3.26 -15.69
N LEU A 330 9.00 -3.28 -15.20
CA LEU A 330 7.98 -4.17 -15.76
C LEU A 330 7.67 -3.80 -17.20
N PRO A 331 7.42 -4.78 -18.06
CA PRO A 331 7.04 -4.47 -19.45
C PRO A 331 5.55 -4.12 -19.57
N ILE A 332 5.18 -2.94 -19.08
CA ILE A 332 3.82 -2.42 -19.19
C ILE A 332 3.89 -0.93 -19.45
N ASN A 333 2.80 -0.39 -19.99
CA ASN A 333 2.64 1.05 -20.15
C ASN A 333 1.70 1.54 -19.06
N LEU A 334 2.18 2.49 -18.24
CA LEU A 334 1.49 2.91 -17.02
C LEU A 334 1.38 4.42 -17.00
N VAL A 335 0.21 4.91 -16.63
CA VAL A 335 -0.06 6.34 -16.48
C VAL A 335 -0.57 6.57 -15.07
N GLY A 336 -0.08 7.63 -14.43
CA GLY A 336 -0.59 8.01 -13.12
C GLY A 336 -1.15 9.42 -13.18
N LEU A 337 -2.34 9.63 -12.60
CA LEU A 337 -2.97 10.95 -12.54
C LEU A 337 -3.25 11.24 -11.07
N LEU A 338 -2.56 12.23 -10.52
CA LEU A 338 -2.71 12.59 -9.11
C LEU A 338 -3.45 13.92 -9.06
N ALA A 339 -4.69 13.90 -8.57
CA ALA A 339 -5.55 15.08 -8.52
C ALA A 339 -5.40 15.66 -7.12
N CYS A 340 -4.64 16.76 -6.99
CA CYS A 340 -4.19 17.24 -5.69
C CYS A 340 -4.75 18.62 -5.40
N ALA A 341 -5.34 18.76 -4.21
CA ALA A 341 -5.90 20.02 -3.77
C ALA A 341 -5.98 19.98 -2.25
N GLU A 342 -6.18 21.14 -1.64
CA GLU A 342 -6.41 21.26 -0.21
C GLU A 342 -7.81 21.83 0.01
N ASN A 343 -8.61 21.18 0.88
CA ASN A 343 -10.02 21.57 1.11
C ASN A 343 -10.13 22.39 2.39
N MET A 344 -10.28 23.72 2.25
CA MET A 344 -10.29 24.75 3.29
C MET A 344 -11.55 25.61 3.28
N PRO A 345 -11.98 26.07 4.45
CA PRO A 345 -13.00 27.13 4.51
C PRO A 345 -12.36 28.49 4.35
N SER A 346 -13.10 29.42 3.72
CA SER A 346 -12.59 30.76 3.48
C SER A 346 -13.72 31.60 2.90
N GLY A 347 -13.44 32.91 2.78
CA GLY A 347 -14.41 33.81 2.18
C GLY A 347 -14.63 33.63 0.70
N GLY A 348 -13.85 32.75 0.07
CA GLY A 348 -14.02 32.47 -1.34
C GLY A 348 -14.24 30.99 -1.60
N ALA A 349 -14.50 30.22 -0.56
CA ALA A 349 -14.65 28.78 -0.74
C ALA A 349 -15.95 28.44 -1.44
N THR A 350 -15.97 27.24 -2.05
CA THR A 350 -17.21 26.69 -2.58
C THR A 350 -18.27 26.56 -1.48
N ARG A 351 -19.53 26.86 -1.82
CA ARG A 351 -20.63 26.77 -0.87
C ARG A 351 -21.50 25.55 -1.18
N PRO A 352 -22.10 24.92 -0.16
CA PRO A 352 -23.21 23.98 -0.43
C PRO A 352 -24.25 24.65 -1.31
N GLY A 353 -24.70 23.92 -2.32
CA GLY A 353 -25.63 24.48 -3.29
C GLY A 353 -25.00 25.08 -4.53
N ASP A 354 -23.68 25.28 -4.54
CA ASP A 354 -23.02 25.69 -5.77
C ASP A 354 -23.26 24.65 -6.87
N ILE A 355 -23.37 25.12 -8.11
CA ILE A 355 -23.44 24.24 -9.27
C ILE A 355 -22.26 24.55 -10.18
N VAL A 356 -21.52 23.51 -10.56
CA VAL A 356 -20.32 23.66 -11.38
C VAL A 356 -20.43 22.76 -12.60
N THR A 357 -19.63 23.07 -13.62
CA THR A 357 -19.56 22.26 -14.84
C THR A 357 -18.26 21.49 -14.84
N THR A 358 -18.37 20.16 -14.83
CA THR A 358 -17.18 19.31 -14.85
C THR A 358 -16.54 19.35 -16.22
N MET A 359 -15.30 18.84 -16.31
CA MET A 359 -14.64 18.67 -17.62
C MET A 359 -15.54 17.98 -18.63
N SER A 360 -16.25 16.94 -18.19
CA SER A 360 -17.11 16.14 -19.07
C SER A 360 -18.29 16.92 -19.61
N GLY A 361 -18.59 18.07 -19.03
CA GLY A 361 -19.78 18.82 -19.39
C GLY A 361 -20.96 18.54 -18.48
N GLN A 362 -20.92 17.46 -17.71
CA GLN A 362 -21.98 17.21 -16.74
C GLN A 362 -21.92 18.25 -15.64
N THR A 363 -23.08 18.78 -15.27
CA THR A 363 -23.15 19.73 -14.16
C THR A 363 -23.35 18.98 -12.86
N VAL A 364 -22.76 19.51 -11.79
CA VAL A 364 -22.81 18.87 -10.48
C VAL A 364 -23.28 19.90 -9.46
N GLU A 365 -24.30 19.55 -8.70
CA GLU A 365 -24.71 20.35 -7.55
C GLU A 365 -23.92 19.87 -6.34
N ILE A 366 -23.11 20.77 -5.77
CA ILE A 366 -22.25 20.44 -4.64
C ILE A 366 -23.09 20.69 -3.39
N LEU A 367 -23.81 19.65 -2.96
CA LEU A 367 -24.64 19.76 -1.77
C LEU A 367 -23.82 19.77 -0.50
N ASN A 368 -22.63 19.16 -0.53
CA ASN A 368 -21.81 19.08 0.67
C ASN A 368 -20.36 19.19 0.24
N THR A 369 -19.68 20.22 0.73
CA THR A 369 -18.32 20.50 0.30
C THR A 369 -17.31 19.50 0.86
N ASP A 370 -17.74 18.62 1.78
CA ASP A 370 -16.90 17.55 2.33
C ASP A 370 -16.97 16.29 1.47
N ALA A 371 -17.77 16.28 0.42
CA ALA A 371 -17.69 15.23 -0.59
C ALA A 371 -16.84 15.73 -1.75
N GLU A 372 -15.59 16.05 -1.41
CA GLU A 372 -14.71 16.77 -2.33
C GLU A 372 -13.79 15.86 -3.13
N GLY A 373 -13.46 14.68 -2.59
CA GLY A 373 -12.58 13.78 -3.32
C GLY A 373 -13.17 13.36 -4.65
N ARG A 374 -14.47 13.06 -4.67
CA ARG A 374 -15.11 12.67 -5.92
C ARG A 374 -15.13 13.82 -6.93
N LEU A 375 -15.05 15.08 -6.47
CA LEU A 375 -15.04 16.22 -7.38
C LEU A 375 -13.69 16.47 -8.02
N VAL A 376 -12.58 16.09 -7.36
CA VAL A 376 -11.31 16.16 -8.09
C VAL A 376 -11.11 14.91 -8.92
N LEU A 377 -11.61 13.77 -8.46
CA LEU A 377 -11.44 12.51 -9.20
C LEU A 377 -12.22 12.52 -10.50
N CYS A 378 -13.45 13.06 -10.51
CA CYS A 378 -14.27 12.93 -11.70
C CYS A 378 -13.63 13.68 -12.88
N ASP A 379 -13.06 14.86 -12.62
CA ASP A 379 -12.37 15.57 -13.69
C ASP A 379 -11.11 14.82 -14.13
N ALA A 380 -10.40 14.19 -13.20
CA ALA A 380 -9.26 13.38 -13.62
C ALA A 380 -9.70 12.14 -14.41
N LEU A 381 -10.86 11.58 -14.11
CA LEU A 381 -11.34 10.42 -14.89
C LEU A 381 -11.67 10.82 -16.33
N THR A 382 -12.25 12.02 -16.51
CA THR A 382 -12.46 12.53 -17.86
C THR A 382 -11.14 12.75 -18.58
N TYR A 383 -10.16 13.31 -17.87
CA TYR A 383 -8.83 13.54 -18.46
C TYR A 383 -8.21 12.22 -18.92
N ALA A 384 -8.41 11.15 -18.15
CA ALA A 384 -7.84 9.84 -18.46
C ALA A 384 -8.28 9.30 -19.83
N GLU A 385 -9.41 9.78 -20.38
CA GLU A 385 -9.90 9.26 -21.65
C GLU A 385 -8.86 9.40 -22.76
N ARG A 386 -8.04 10.44 -22.71
CA ARG A 386 -7.11 10.70 -23.81
C ARG A 386 -6.06 9.60 -23.96
N PHE A 387 -5.84 8.78 -22.94
CA PHE A 387 -4.80 7.76 -23.01
C PHE A 387 -5.29 6.47 -23.66
N LYS A 388 -6.55 6.41 -24.08
CA LYS A 388 -7.15 5.21 -24.66
C LYS A 388 -6.79 4.00 -23.79
N PRO A 389 -7.06 4.05 -22.50
CA PRO A 389 -6.53 3.03 -21.58
C PRO A 389 -7.25 1.71 -21.72
N GLN A 390 -6.53 0.63 -21.39
CA GLN A 390 -7.17 -0.66 -21.26
C GLN A 390 -7.67 -0.94 -19.85
N SER A 391 -7.22 -0.19 -18.84
CA SER A 391 -7.88 -0.20 -17.54
C SER A 391 -7.60 1.13 -16.84
N VAL A 392 -8.56 1.56 -16.04
CA VAL A 392 -8.45 2.77 -15.22
C VAL A 392 -8.87 2.42 -13.81
N ILE A 393 -7.98 2.63 -12.86
CA ILE A 393 -8.27 2.35 -11.45
C ILE A 393 -8.06 3.63 -10.67
N ASP A 394 -9.11 4.07 -9.98
CA ASP A 394 -8.91 5.18 -9.06
C ASP A 394 -8.79 4.64 -7.64
N ILE A 395 -8.01 5.34 -6.83
CA ILE A 395 -7.71 4.96 -5.45
C ILE A 395 -7.93 6.19 -4.59
N ALA A 396 -8.78 6.06 -3.56
CA ALA A 396 -9.19 7.24 -2.82
C ALA A 396 -9.61 6.86 -1.40
N THR A 397 -9.22 7.71 -0.45
CA THR A 397 -9.71 7.64 0.93
C THR A 397 -11.07 8.33 0.98
N LEU A 398 -12.08 7.65 0.45
CA LEU A 398 -13.24 8.39 -0.04
C LEU A 398 -14.42 8.47 0.95
N THR A 399 -14.78 7.40 1.67
CA THR A 399 -15.99 7.46 2.49
C THR A 399 -15.79 6.86 3.87
N GLY A 400 -16.25 7.57 4.90
CA GLY A 400 -16.36 6.93 6.20
C GLY A 400 -17.28 5.72 6.19
N ALA A 401 -18.28 5.74 5.31
CA ALA A 401 -19.18 4.60 5.17
C ALA A 401 -18.43 3.32 4.83
N CYS A 402 -17.27 3.42 4.17
CA CYS A 402 -16.55 2.19 3.80
C CYS A 402 -16.00 1.51 5.04
N ILE A 403 -15.63 2.29 6.05
CA ILE A 403 -15.17 1.73 7.31
C ILE A 403 -16.32 1.03 8.03
N VAL A 404 -17.52 1.62 7.96
CA VAL A 404 -18.71 0.94 8.52
C VAL A 404 -18.97 -0.38 7.80
N ALA A 405 -18.80 -0.39 6.49
CA ALA A 405 -19.12 -1.56 5.67
C ALA A 405 -18.06 -2.67 5.79
N LEU A 406 -16.77 -2.30 5.75
CA LEU A 406 -15.70 -3.27 5.58
C LEU A 406 -14.56 -3.08 6.59
N GLY A 407 -14.66 -2.08 7.45
CA GLY A 407 -13.70 -1.96 8.54
C GLY A 407 -12.37 -1.39 8.08
N SER A 408 -11.35 -1.68 8.87
CA SER A 408 -10.03 -1.13 8.59
C SER A 408 -9.12 -2.10 7.87
N ASN A 409 -9.57 -3.32 7.56
CA ASN A 409 -8.61 -4.27 7.00
C ASN A 409 -8.89 -4.70 5.56
N THR A 410 -10.04 -4.32 4.99
CA THR A 410 -10.42 -4.71 3.64
C THR A 410 -10.87 -3.47 2.89
N SER A 411 -10.23 -3.18 1.75
CA SER A 411 -10.61 -2.02 0.96
C SER A 411 -11.92 -2.29 0.21
N GLY A 412 -12.71 -1.23 0.01
CA GLY A 412 -13.91 -1.36 -0.83
C GLY A 412 -13.52 -1.28 -2.30
N LEU A 413 -14.20 -2.10 -3.12
CA LEU A 413 -13.92 -2.17 -4.55
C LEU A 413 -15.21 -2.11 -5.35
N MET A 414 -15.22 -1.29 -6.39
CA MET A 414 -16.41 -1.10 -7.19
C MET A 414 -15.91 -0.95 -8.63
N GLY A 415 -16.75 -1.22 -9.63
CA GLY A 415 -16.26 -0.95 -10.99
C GLY A 415 -17.32 -1.24 -12.03
N ASN A 416 -16.97 -0.95 -13.28
CA ASN A 416 -17.92 -1.10 -14.38
C ASN A 416 -17.58 -2.27 -15.30
N ASN A 417 -16.63 -3.11 -14.90
CA ASN A 417 -16.15 -4.22 -15.72
C ASN A 417 -15.81 -5.38 -14.81
N GLU A 418 -16.52 -6.50 -15.00
CA GLU A 418 -16.38 -7.61 -14.05
C GLU A 418 -14.99 -8.24 -14.11
N ALA A 419 -14.40 -8.33 -15.31
CA ALA A 419 -13.07 -8.94 -15.43
C ALA A 419 -12.03 -8.14 -14.68
N LEU A 420 -12.06 -6.80 -14.81
CA LEU A 420 -11.12 -5.96 -14.08
C LEU A 420 -11.33 -6.10 -12.58
N VAL A 421 -12.59 -6.07 -12.14
CA VAL A 421 -12.86 -6.21 -10.70
C VAL A 421 -12.30 -7.54 -10.19
N ARG A 422 -12.49 -8.63 -10.95
CA ARG A 422 -12.00 -9.93 -10.51
C ARG A 422 -10.48 -9.95 -10.48
N GLN A 423 -9.83 -9.32 -11.47
CA GLN A 423 -8.37 -9.24 -11.47
C GLN A 423 -7.85 -8.54 -10.22
N LEU A 424 -8.54 -7.47 -9.79
CA LEU A 424 -8.08 -6.74 -8.62
C LEU A 424 -8.32 -7.52 -7.34
N LEU A 425 -9.46 -8.20 -7.25
CA LEU A 425 -9.71 -9.06 -6.09
C LEU A 425 -8.66 -10.17 -5.99
N LYS A 426 -8.37 -10.83 -7.11
CA LYS A 426 -7.36 -11.88 -7.13
C LYS A 426 -6.00 -11.33 -6.72
N ALA A 427 -5.66 -10.13 -7.20
CA ALA A 427 -4.38 -9.53 -6.83
C ALA A 427 -4.33 -9.24 -5.33
N GLY A 428 -5.43 -8.73 -4.76
CA GLY A 428 -5.44 -8.45 -3.33
C GLY A 428 -5.33 -9.71 -2.49
N GLU A 429 -5.95 -10.80 -2.94
CA GLU A 429 -5.81 -12.09 -2.27
C GLU A 429 -4.36 -12.55 -2.28
N PHE A 430 -3.72 -12.53 -3.44
CA PHE A 430 -2.33 -12.97 -3.52
C PHE A 430 -1.42 -12.10 -2.67
N ALA A 431 -1.61 -10.78 -2.71
CA ALA A 431 -0.79 -9.87 -1.92
C ALA A 431 -1.11 -9.86 -0.44
N ASP A 432 -2.15 -10.57 0.00
CA ASP A 432 -2.73 -10.37 1.34
C ASP A 432 -2.91 -8.88 1.64
N ASP A 433 -3.51 -8.15 0.66
CA ASP A 433 -3.87 -6.73 0.85
C ASP A 433 -5.25 -6.66 0.18
N ARG A 434 -6.25 -7.25 0.87
CA ARG A 434 -7.49 -7.64 0.24
C ARG A 434 -8.46 -6.47 0.06
N ALA A 435 -9.30 -6.59 -0.97
CA ALA A 435 -10.44 -5.73 -1.21
C ALA A 435 -11.70 -6.57 -1.22
N TRP A 436 -12.84 -5.91 -1.33
CA TRP A 436 -14.11 -6.62 -1.41
C TRP A 436 -15.06 -5.82 -2.29
N GLN A 437 -15.71 -6.49 -3.24
CA GLN A 437 -16.59 -5.76 -4.15
C GLN A 437 -17.89 -5.36 -3.47
N LEU A 438 -18.33 -4.13 -3.75
CA LEU A 438 -19.68 -3.66 -3.48
C LEU A 438 -20.38 -3.35 -4.81
N PRO A 439 -21.69 -3.58 -4.90
CA PRO A 439 -22.39 -3.47 -6.19
C PRO A 439 -22.72 -2.04 -6.57
N LEU A 440 -22.63 -1.75 -7.87
CA LEU A 440 -23.10 -0.46 -8.39
C LEU A 440 -24.41 -0.66 -9.15
N PHE A 441 -25.38 -1.31 -8.51
CA PHE A 441 -26.68 -1.53 -9.16
C PHE A 441 -27.29 -0.21 -9.60
N ASP A 442 -27.94 -0.23 -10.76
CA ASP A 442 -28.46 1.02 -11.32
C ASP A 442 -29.48 1.68 -10.38
N GLU A 443 -30.16 0.87 -9.54
CA GLU A 443 -31.12 1.40 -8.57
C GLU A 443 -30.51 2.43 -7.62
N TYR A 444 -29.22 2.28 -7.30
CA TYR A 444 -28.57 3.25 -6.43
C TYR A 444 -28.36 4.60 -7.10
N GLN A 445 -28.34 4.64 -8.43
CA GLN A 445 -27.97 5.86 -9.13
C GLN A 445 -28.94 7.01 -8.86
N GLU A 446 -30.22 6.68 -8.68
CA GLU A 446 -31.22 7.73 -8.46
C GLU A 446 -31.00 8.49 -7.17
N GLN A 447 -30.20 7.95 -6.23
CA GLN A 447 -29.87 8.68 -5.02
C GLN A 447 -29.05 9.94 -5.30
N LEU A 448 -28.46 10.04 -6.49
CA LEU A 448 -27.67 11.20 -6.88
C LEU A 448 -28.48 12.18 -7.72
N ASP A 449 -29.78 11.96 -7.88
CA ASP A 449 -30.59 12.89 -8.65
C ASP A 449 -30.65 14.25 -7.97
N SER A 450 -30.48 15.31 -8.75
CA SER A 450 -30.62 16.68 -8.29
C SER A 450 -31.70 17.38 -9.10
N PRO A 451 -32.62 18.12 -8.47
CA PRO A 451 -33.57 18.92 -9.25
C PRO A 451 -32.92 20.04 -10.03
N PHE A 452 -31.65 20.37 -9.74
CA PHE A 452 -30.99 21.57 -10.28
C PHE A 452 -29.79 21.27 -11.17
N ALA A 453 -29.27 20.06 -11.18
CA ALA A 453 -28.08 19.78 -11.98
C ALA A 453 -28.15 18.37 -12.52
N ASP A 454 -27.16 18.01 -13.34
CA ASP A 454 -27.11 16.64 -13.88
C ASP A 454 -26.87 15.61 -12.78
N ILE A 455 -26.07 15.97 -11.77
CA ILE A 455 -25.74 15.06 -10.66
C ILE A 455 -25.63 15.87 -9.38
N ALA A 456 -26.11 15.31 -8.27
CA ALA A 456 -25.73 15.79 -6.94
C ALA A 456 -24.48 15.04 -6.48
N ASN A 457 -23.64 15.71 -5.67
CA ASN A 457 -22.41 15.05 -5.25
C ASN A 457 -22.56 14.20 -4.00
N ILE A 458 -23.78 14.03 -3.46
CA ILE A 458 -24.03 13.15 -2.32
C ILE A 458 -25.33 12.38 -2.57
N GLY A 459 -25.41 11.20 -1.97
CA GLY A 459 -26.61 10.37 -2.14
C GLY A 459 -27.39 10.15 -0.87
N GLY A 460 -27.02 10.80 0.23
CA GLY A 460 -27.74 10.66 1.47
C GLY A 460 -27.14 9.63 2.39
N PRO A 461 -27.85 9.31 3.48
CA PRO A 461 -27.27 8.43 4.52
C PRO A 461 -27.20 6.96 4.15
N LYS A 462 -27.89 6.51 3.10
CA LYS A 462 -27.94 5.09 2.76
C LYS A 462 -26.93 4.77 1.67
N ALA A 463 -26.17 3.68 1.87
CA ALA A 463 -25.28 3.15 0.83
C ALA A 463 -24.22 4.17 0.40
N GLY A 464 -23.57 4.82 1.38
CA GLY A 464 -22.68 5.94 1.06
C GLY A 464 -21.46 5.55 0.24
N THR A 465 -20.88 4.37 0.51
CA THR A 465 -19.71 3.97 -0.29
C THR A 465 -20.12 3.71 -1.73
N ILE A 466 -21.29 3.08 -1.90
CA ILE A 466 -21.78 2.72 -3.22
C ILE A 466 -22.16 3.97 -4.02
N THR A 467 -22.84 4.93 -3.39
CA THR A 467 -23.26 6.09 -4.19
C THR A 467 -22.07 6.95 -4.59
N ALA A 468 -21.03 6.99 -3.76
CA ALA A 468 -19.78 7.63 -4.18
C ALA A 468 -19.21 6.93 -5.41
N GLY A 469 -19.15 5.60 -5.38
CA GLY A 469 -18.74 4.87 -6.58
C GLY A 469 -19.66 5.13 -7.77
N CYS A 470 -20.96 5.23 -7.52
CA CYS A 470 -21.89 5.53 -8.59
C CYS A 470 -21.60 6.90 -9.20
N PHE A 471 -21.29 7.90 -8.36
CA PHE A 471 -20.94 9.22 -8.86
C PHE A 471 -19.75 9.13 -9.81
N LEU A 472 -18.69 8.45 -9.38
CA LEU A 472 -17.49 8.31 -10.20
C LEU A 472 -17.78 7.55 -11.49
N SER A 473 -18.67 6.55 -11.43
CA SER A 473 -18.93 5.73 -12.61
C SER A 473 -19.46 6.57 -13.77
N ARG A 474 -20.11 7.70 -13.47
CA ARG A 474 -20.69 8.52 -14.53
C ARG A 474 -19.62 9.22 -15.36
N PHE A 475 -18.36 9.16 -14.93
CA PHE A 475 -17.24 9.76 -15.66
C PHE A 475 -16.31 8.70 -16.25
N ALA A 476 -16.63 7.41 -16.05
CA ALA A 476 -15.76 6.32 -16.47
C ALA A 476 -16.42 5.42 -17.53
N LYS A 477 -17.48 5.90 -18.18
CA LYS A 477 -18.22 5.02 -19.08
C LYS A 477 -17.45 4.64 -20.33
N LYS A 478 -16.39 5.38 -20.68
CA LYS A 478 -15.69 5.15 -21.95
C LYS A 478 -14.58 4.10 -21.83
N TYR A 479 -14.33 3.53 -20.66
CA TYR A 479 -13.27 2.54 -20.53
C TYR A 479 -13.58 1.57 -19.39
N HIS A 480 -12.74 0.54 -19.27
CA HIS A 480 -12.87 -0.42 -18.18
C HIS A 480 -12.28 0.18 -16.91
N TRP A 481 -13.10 0.27 -15.87
CA TRP A 481 -12.75 1.10 -14.72
C TRP A 481 -13.10 0.40 -13.41
N ALA A 482 -12.26 0.63 -12.41
CA ALA A 482 -12.52 0.17 -11.05
C ALA A 482 -12.12 1.27 -10.08
N HIS A 483 -12.66 1.17 -8.85
CA HIS A 483 -12.54 2.21 -7.84
C HIS A 483 -12.25 1.52 -6.51
N LEU A 484 -11.14 1.87 -5.88
CA LEU A 484 -10.74 1.33 -4.58
C LEU A 484 -10.95 2.41 -3.53
N ASP A 485 -11.82 2.14 -2.55
CA ASP A 485 -12.08 3.10 -1.49
C ASP A 485 -11.26 2.62 -0.29
N ILE A 486 -10.16 3.33 0.00
CA ILE A 486 -9.19 2.91 0.99
C ILE A 486 -9.28 3.76 2.26
N ALA A 487 -10.45 4.34 2.52
CA ALA A 487 -10.63 5.19 3.71
C ALA A 487 -10.27 4.45 5.00
N GLY A 488 -10.51 3.15 5.05
CA GLY A 488 -10.20 2.35 6.22
C GLY A 488 -8.82 1.71 6.19
N THR A 489 -8.27 1.41 5.01
CA THR A 489 -7.04 0.64 4.93
C THR A 489 -5.80 1.48 4.74
N ALA A 490 -5.93 2.78 4.44
CA ALA A 490 -4.77 3.60 4.08
C ALA A 490 -3.96 4.05 5.29
N TRP A 491 -4.53 4.03 6.50
CA TRP A 491 -3.75 4.40 7.67
C TRP A 491 -4.32 3.74 8.91
N ILE A 492 -3.52 3.78 9.98
CA ILE A 492 -3.90 3.34 11.31
C ILE A 492 -4.14 4.58 12.15
N SER A 493 -5.30 4.64 12.83
CA SER A 493 -5.77 5.90 13.45
C SER A 493 -5.05 6.27 14.75
N GLY A 494 -4.69 5.30 15.57
CA GLY A 494 -4.19 5.66 16.88
C GLY A 494 -3.23 4.65 17.45
N GLY A 495 -2.85 4.82 18.71
CA GLY A 495 -1.92 3.91 19.32
C GLY A 495 -0.49 4.17 18.87
N LYS A 496 0.39 3.26 19.29
CA LYS A 496 1.82 3.41 18.99
C LYS A 496 2.07 3.43 17.49
N ASP A 497 1.23 2.75 16.71
CA ASP A 497 1.50 2.54 15.30
C ASP A 497 0.67 3.44 14.38
N LYS A 498 0.09 4.51 14.93
CA LYS A 498 -0.59 5.50 14.11
C LYS A 498 0.26 5.91 12.91
N GLY A 499 -0.35 5.95 11.73
CA GLY A 499 0.36 6.39 10.55
C GLY A 499 -0.11 5.65 9.31
N ALA A 500 0.39 6.11 8.17
CA ALA A 500 0.03 5.54 6.88
C ALA A 500 0.52 4.09 6.79
N THR A 501 -0.25 3.26 6.08
CA THR A 501 0.07 1.85 5.90
C THR A 501 0.82 1.54 4.61
N GLY A 502 0.65 2.36 3.58
CA GLY A 502 1.14 2.03 2.25
C GLY A 502 0.20 1.17 1.43
N ARG A 503 -0.95 0.81 1.97
CA ARG A 503 -1.93 0.10 1.17
C ARG A 503 -2.66 1.09 0.29
N PRO A 504 -3.04 0.71 -0.93
CA PRO A 504 -2.97 -0.64 -1.51
C PRO A 504 -1.82 -0.83 -2.50
N VAL A 505 -0.62 -0.35 -2.21
CA VAL A 505 0.52 -0.59 -3.12
C VAL A 505 0.71 -2.07 -3.39
N PRO A 506 0.63 -2.98 -2.40
CA PRO A 506 0.81 -4.42 -2.73
C PRO A 506 -0.23 -4.95 -3.70
N LEU A 507 -1.52 -4.62 -3.49
CA LEU A 507 -2.55 -5.04 -4.44
C LEU A 507 -2.28 -4.50 -5.84
N LEU A 508 -2.08 -3.19 -5.94
CA LEU A 508 -1.89 -2.57 -7.24
C LEU A 508 -0.66 -3.11 -7.95
N THR A 509 0.46 -3.29 -7.24
CA THR A 509 1.66 -3.79 -7.89
C THR A 509 1.45 -5.23 -8.34
N GLN A 510 0.79 -6.05 -7.50
CA GLN A 510 0.46 -7.42 -7.90
C GLN A 510 -0.43 -7.43 -9.14
N TYR A 511 -1.43 -6.56 -9.18
CA TYR A 511 -2.28 -6.46 -10.37
C TYR A 511 -1.44 -6.20 -11.61
N LEU A 512 -0.50 -5.25 -11.51
CA LEU A 512 0.33 -4.90 -12.66
C LEU A 512 1.30 -6.01 -13.01
N LEU A 513 1.86 -6.69 -11.99
CA LEU A 513 2.73 -7.84 -12.26
C LEU A 513 2.00 -8.88 -13.10
N GLU A 514 0.74 -9.15 -12.77
CA GLU A 514 -0.05 -10.13 -13.52
C GLU A 514 -0.37 -9.63 -14.93
N ARG A 515 -0.64 -8.32 -15.07
CA ARG A 515 -0.90 -7.76 -16.39
C ARG A 515 0.34 -7.76 -17.26
N ALA A 516 1.53 -7.78 -16.65
CA ALA A 516 2.79 -7.73 -17.37
C ALA A 516 3.26 -9.08 -17.89
N LYS A 517 2.56 -10.17 -17.55
CA LYS A 517 3.00 -11.50 -17.96
C LYS A 517 2.63 -11.77 -19.42
N2 BES B . -11.75 11.92 3.18
C1 BES B . -13.13 11.80 3.60
C6 BES B . -13.53 10.38 4.01
C7 BES B . -13.03 9.88 5.35
C8 BES B . -13.53 10.40 6.54
C12 BES B . -12.08 8.86 5.40
C9 BES B . -13.07 9.92 7.77
C11 BES B . -11.63 8.37 6.62
C10 BES B . -12.12 8.90 7.81
C2 BES B . -14.13 12.23 2.49
O2 BES B . -13.69 13.36 1.78
C3 BES B . -15.45 12.58 3.14
O3 BES B . -15.49 13.51 3.95
N1 BES B . -16.49 11.83 2.83
C4 BES B . -17.78 12.10 3.43
C13 BES B . -18.86 12.06 2.33
C14 BES B . -20.25 12.60 2.73
C15 BES B . -20.19 14.12 2.89
C16 BES B . -21.32 12.23 1.70
C5 BES B . -18.07 11.09 4.57
O1 BES B . -18.62 11.52 5.61
O4 BES B . -17.70 9.92 4.36
C1 EDO C . 4.94 6.42 11.45
O1 EDO C . 3.81 5.62 11.82
C2 EDO C . 5.32 7.35 12.61
O2 EDO C . 5.79 6.56 13.70
C BCT D . -15.65 12.43 -1.10
O1 BCT D . -16.38 12.08 -0.19
O2 BCT D . -15.87 12.70 -2.28
O3 BCT D . -14.43 13.04 -0.62
C1 EDO E . -22.62 27.13 -13.46
O1 EDO E . -21.53 27.51 -12.62
C2 EDO E . -22.26 25.84 -14.16
O2 EDO E . -20.96 26.03 -14.77
MN MN F . -11.60 13.68 1.68
MN MN G . -14.29 15.27 2.65
#